data_3OK8
#
_entry.id   3OK8
#
_cell.length_a   99.920
_cell.length_b   39.913
_cell.length_c   120.702
_cell.angle_alpha   90.00
_cell.angle_beta   94.82
_cell.angle_gamma   90.00
#
_symmetry.space_group_name_H-M   'C 1 2 1'
#
loop_
_entity.id
_entity.type
_entity.pdbx_description
1 polymer 'Brain-specific angiogenesis inhibitor 1-associated protein 2-like protein 2'
2 non-polymer GLYCEROL
3 water water
#
_entity_poly.entity_id   1
_entity_poly.type   'polypeptide(L)'
_entity_poly.pdbx_seq_one_letter_code
;HMMAPEMDQFYRSTMAIYKSIMEQFNPALENLVYLGNNYLRAFHALSEAAEVYFSAIQKIGEQALQSSTSQILGEILVQM
SDTQRHLNSDLEVVVQTFHGDLLQHMEKNTKLDMQFIKDSCQHYEIEYRHRAANLEKCMSELWRMERKRDKNAREMKESV
NRLHAQMQAFVSESKRAAELEEKRRYRFLAEKHLLLSNTFLQFLGRARGMLQNRVLLWKEQS
;
_entity_poly.pdbx_strand_id   A,B
#
loop_
_chem_comp.id
_chem_comp.type
_chem_comp.name
_chem_comp.formula
GOL non-polymer GLYCEROL 'C3 H8 O3'
#
# COMPACT_ATOMS: atom_id res chain seq x y z
N ALA A 4 4.43 46.15 -35.82
CA ALA A 4 3.06 45.68 -36.00
C ALA A 4 3.01 44.17 -36.13
N PRO A 5 3.86 43.60 -37.02
CA PRO A 5 3.90 42.14 -37.20
C PRO A 5 4.44 41.45 -35.95
N GLU A 6 5.50 42.02 -35.38
CA GLU A 6 6.08 41.50 -34.16
C GLU A 6 5.09 41.55 -32.99
N MET A 7 4.12 42.46 -33.07
CA MET A 7 3.18 42.64 -31.97
C MET A 7 2.00 41.68 -31.95
N ASP A 8 1.49 41.29 -33.12
CA ASP A 8 0.49 40.24 -33.14
C ASP A 8 1.15 38.93 -32.70
N GLN A 9 2.48 38.88 -32.80
CA GLN A 9 3.25 37.74 -32.30
C GLN A 9 3.17 37.67 -30.77
N PHE A 10 3.57 38.75 -30.11
CA PHE A 10 3.42 38.81 -28.67
C PHE A 10 1.99 38.51 -28.29
N TYR A 11 1.06 39.14 -28.98
CA TYR A 11 -0.35 38.94 -28.69
C TYR A 11 -0.72 37.47 -28.78
N ARG A 12 -0.28 36.81 -29.84
CA ARG A 12 -0.58 35.40 -30.05
C ARG A 12 0.12 34.51 -29.03
N SER A 13 1.37 34.82 -28.72
CA SER A 13 2.16 34.04 -27.78
C SER A 13 1.62 34.12 -26.37
N THR A 14 1.17 35.31 -25.98
CA THR A 14 0.57 35.51 -24.67
C THR A 14 -0.77 34.79 -24.57
N MET A 15 -1.47 34.73 -25.69
CA MET A 15 -2.78 34.09 -25.75
C MET A 15 -2.67 32.58 -25.69
N ALA A 16 -1.62 32.04 -26.30
CA ALA A 16 -1.34 30.62 -26.28
C ALA A 16 -1.10 30.13 -24.85
N ILE A 17 -0.59 31.01 -24.00
CA ILE A 17 -0.27 30.69 -22.61
C ILE A 17 -1.49 30.69 -21.72
N TYR A 18 -2.29 31.75 -21.79
CA TYR A 18 -3.58 31.78 -21.11
C TYR A 18 -4.47 30.61 -21.56
N LYS A 19 -4.38 30.25 -22.83
CA LYS A 19 -5.17 29.12 -23.32
C LYS A 19 -4.61 27.78 -22.86
N SER A 20 -3.31 27.69 -22.63
CA SER A 20 -2.72 26.46 -22.08
C SER A 20 -3.23 26.26 -20.66
N ILE A 21 -3.31 27.35 -19.91
CA ILE A 21 -3.75 27.30 -18.53
C ILE A 21 -5.23 26.91 -18.45
N MET A 22 -6.05 27.50 -19.30
CA MET A 22 -7.49 27.39 -19.15
C MET A 22 -8.08 26.09 -19.69
N GLU A 23 -7.45 25.52 -20.70
CA GLU A 23 -8.02 24.37 -21.37
C GLU A 23 -7.03 23.23 -21.51
N GLN A 24 -6.01 23.26 -20.67
CA GLN A 24 -5.05 22.19 -20.61
C GLN A 24 -4.73 21.93 -19.15
N PHE A 25 -4.15 22.93 -18.48
CA PHE A 25 -3.80 22.79 -17.09
C PHE A 25 -5.01 22.71 -16.17
N ASN A 26 -5.90 23.69 -16.25
CA ASN A 26 -7.04 23.69 -15.33
C ASN A 26 -7.89 22.40 -15.36
N PRO A 27 -8.25 21.92 -16.57
CA PRO A 27 -8.99 20.64 -16.64
C PRO A 27 -8.19 19.48 -16.07
N ALA A 28 -6.88 19.47 -16.29
CA ALA A 28 -6.03 18.41 -15.76
C ALA A 28 -6.08 18.34 -14.24
N LEU A 29 -6.34 19.47 -13.59
CA LEU A 29 -6.49 19.52 -12.14
C LEU A 29 -7.82 18.92 -11.68
N GLU A 30 -8.87 19.10 -12.48
CA GLU A 30 -10.13 18.44 -12.19
C GLU A 30 -9.94 16.94 -12.29
N ASN A 31 -9.30 16.52 -13.37
CA ASN A 31 -8.93 15.13 -13.61
C ASN A 31 -8.15 14.51 -12.45
N LEU A 32 -7.09 15.18 -12.01
CA LEU A 32 -6.33 14.70 -10.85
C LEU A 32 -7.19 14.59 -9.60
N VAL A 33 -8.22 15.43 -9.48
CA VAL A 33 -9.13 15.25 -8.33
C VAL A 33 -10.02 14.03 -8.54
N TYR A 34 -10.35 13.74 -9.79
CA TYR A 34 -11.12 12.54 -10.10
C TYR A 34 -10.27 11.30 -9.82
N LEU A 35 -9.13 11.20 -10.50
CA LEU A 35 -8.25 10.06 -10.35
C LEU A 35 -7.79 9.96 -8.91
N GLY A 36 -7.60 11.11 -8.27
CA GLY A 36 -7.16 11.17 -6.89
C GLY A 36 -8.19 10.54 -5.95
N ASN A 37 -9.48 10.79 -6.19
CA ASN A 37 -10.49 10.23 -5.30
C ASN A 37 -10.59 8.69 -5.42
N ASN A 38 -10.41 8.19 -6.64
CA ASN A 38 -10.30 6.76 -6.93
C ASN A 38 -9.15 6.14 -6.17
N TYR A 39 -8.03 6.85 -6.17
CA TYR A 39 -6.83 6.47 -5.42
C TYR A 39 -7.13 6.28 -3.92
N LEU A 40 -7.83 7.25 -3.33
CA LEU A 40 -8.20 7.17 -1.92
C LEU A 40 -9.08 5.96 -1.65
N ARG A 41 -10.10 5.77 -2.48
CA ARG A 41 -11.02 4.66 -2.30
C ARG A 41 -10.30 3.31 -2.38
N ALA A 42 -9.35 3.17 -3.30
CA ALA A 42 -8.51 1.98 -3.32
C ALA A 42 -7.75 1.82 -2.02
N PHE A 43 -7.14 2.90 -1.53
CA PHE A 43 -6.46 2.90 -0.23
C PHE A 43 -7.37 2.41 0.89
N HIS A 44 -8.57 2.96 0.96
CA HIS A 44 -9.48 2.63 2.05
C HIS A 44 -9.90 1.15 1.98
N ALA A 45 -10.00 0.64 0.77
CA ALA A 45 -10.33 -0.77 0.53
C ALA A 45 -9.17 -1.68 0.91
N LEU A 46 -7.93 -1.26 0.65
CA LEU A 46 -6.78 -2.07 1.02
C LEU A 46 -6.70 -2.15 2.53
N SER A 47 -6.84 -1.01 3.20
CA SER A 47 -6.72 -1.01 4.64
C SER A 47 -7.79 -1.89 5.31
N GLU A 48 -8.94 -2.07 4.65
CA GLU A 48 -10.01 -2.91 5.18
C GLU A 48 -9.67 -4.40 5.07
N ALA A 49 -9.36 -4.84 3.85
CA ALA A 49 -8.87 -6.17 3.57
C ALA A 49 -7.70 -6.57 4.46
N ALA A 50 -6.84 -5.62 4.81
CA ALA A 50 -5.74 -5.89 5.72
C ALA A 50 -6.25 -6.10 7.14
N GLU A 51 -7.13 -5.21 7.59
CA GLU A 51 -7.65 -5.31 8.93
C GLU A 51 -8.43 -6.62 9.17
N VAL A 52 -9.15 -7.08 8.15
CA VAL A 52 -9.91 -8.32 8.28
C VAL A 52 -8.98 -9.53 8.26
N TYR A 53 -7.99 -9.50 7.38
CA TYR A 53 -6.96 -10.53 7.37
C TYR A 53 -6.22 -10.66 8.72
N PHE A 54 -5.72 -9.55 9.24
CA PHE A 54 -4.93 -9.65 10.47
C PHE A 54 -5.78 -9.87 11.73
N SER A 55 -7.03 -9.45 11.68
CA SER A 55 -7.98 -9.74 12.73
CA SER A 55 -7.95 -9.74 12.77
C SER A 55 -8.18 -11.25 12.82
N ALA A 56 -8.04 -11.91 11.68
CA ALA A 56 -8.19 -13.36 11.63
C ALA A 56 -6.89 -14.01 12.09
N ILE A 57 -5.75 -13.40 11.81
CA ILE A 57 -4.52 -13.93 12.38
C ILE A 57 -4.53 -13.77 13.90
N GLN A 58 -5.04 -12.64 14.38
CA GLN A 58 -5.21 -12.43 15.82
C GLN A 58 -6.01 -13.58 16.47
N LYS A 59 -7.13 -13.98 15.86
CA LYS A 59 -7.92 -15.11 16.38
C LYS A 59 -7.19 -16.45 16.45
N ILE A 60 -6.58 -16.86 15.34
CA ILE A 60 -5.64 -17.97 15.38
C ILE A 60 -4.60 -17.81 16.50
N GLY A 61 -4.02 -16.61 16.65
CA GLY A 61 -3.08 -16.37 17.73
C GLY A 61 -3.68 -16.54 19.13
N GLU A 62 -4.90 -16.06 19.31
CA GLU A 62 -5.61 -16.17 20.56
C GLU A 62 -5.91 -17.63 20.93
N GLN A 63 -6.08 -18.49 19.93
CA GLN A 63 -6.25 -19.93 20.16
CA GLN A 63 -6.27 -19.91 20.18
C GLN A 63 -4.97 -20.55 20.65
N ALA A 64 -3.86 -20.21 20.00
CA ALA A 64 -2.54 -20.75 20.38
C ALA A 64 -2.16 -20.31 21.79
N LEU A 65 -2.64 -19.15 22.21
CA LEU A 65 -2.37 -18.69 23.58
C LEU A 65 -3.02 -19.64 24.55
N GLN A 66 -4.22 -20.12 24.20
CA GLN A 66 -5.00 -21.06 25.01
C GLN A 66 -4.41 -22.45 25.11
N SER A 67 -3.64 -22.81 24.08
CA SER A 67 -3.09 -24.15 23.94
C SER A 67 -2.09 -24.54 25.06
N SER A 68 -1.51 -25.72 24.91
CA SER A 68 -0.63 -26.27 25.92
C SER A 68 0.85 -26.13 25.58
N THR A 69 1.21 -26.06 24.31
CA THR A 69 2.62 -25.88 23.95
C THR A 69 2.90 -24.75 22.96
N SER A 70 1.86 -24.10 22.45
CA SER A 70 2.06 -23.05 21.42
C SER A 70 1.81 -21.63 21.93
N GLN A 71 2.03 -21.40 23.23
CA GLN A 71 1.83 -20.07 23.84
C GLN A 71 2.69 -18.97 23.21
N ILE A 72 3.98 -19.27 23.00
CA ILE A 72 4.94 -18.34 22.45
C ILE A 72 4.63 -18.00 20.98
N LEU A 73 4.26 -19.01 20.21
CA LEU A 73 3.81 -18.79 18.84
C LEU A 73 2.52 -18.00 18.86
N GLY A 74 1.68 -18.29 19.84
CA GLY A 74 0.47 -17.52 20.08
C GLY A 74 0.76 -16.04 20.29
N GLU A 75 1.77 -15.72 21.09
CA GLU A 75 2.13 -14.33 21.35
C GLU A 75 2.59 -13.63 20.07
N ILE A 76 3.38 -14.33 19.28
CA ILE A 76 3.93 -13.78 18.06
C ILE A 76 2.86 -13.36 17.04
N LEU A 77 1.85 -14.20 16.87
CA LEU A 77 0.80 -13.93 15.89
C LEU A 77 -0.07 -12.74 16.29
N VAL A 78 -0.35 -12.65 17.59
CA VAL A 78 -1.15 -11.58 18.12
C VAL A 78 -0.40 -10.26 17.96
N GLN A 79 0.92 -10.29 18.10
CA GLN A 79 1.66 -9.04 17.92
C GLN A 79 2.02 -8.73 16.47
N MET A 80 1.72 -9.66 15.58
CA MET A 80 1.84 -9.38 14.16
C MET A 80 0.63 -8.58 13.73
N SER A 81 -0.55 -9.00 14.19
CA SER A 81 -1.76 -8.24 13.90
C SER A 81 -1.68 -6.85 14.54
N ASP A 82 -1.26 -6.79 15.80
CA ASP A 82 -1.07 -5.49 16.45
C ASP A 82 -0.16 -4.57 15.64
N THR A 83 0.94 -5.12 15.11
CA THR A 83 1.87 -4.35 14.27
C THR A 83 1.21 -3.82 13.02
N GLN A 84 0.50 -4.70 12.32
CA GLN A 84 -0.18 -4.29 11.11
C GLN A 84 -1.18 -3.19 11.47
N ARG A 85 -1.89 -3.34 12.58
CA ARG A 85 -2.81 -2.28 13.00
CA ARG A 85 -2.81 -2.30 13.02
C ARG A 85 -2.08 -0.94 13.12
N HIS A 86 -0.88 -0.95 13.68
CA HIS A 86 -0.10 0.28 13.86
C HIS A 86 0.35 0.89 12.54
N LEU A 87 0.96 0.08 11.68
CA LEU A 87 1.43 0.52 10.37
C LEU A 87 0.31 1.16 9.58
N ASN A 88 -0.91 0.68 9.83
CA ASN A 88 -2.08 1.19 9.15
C ASN A 88 -2.50 2.53 9.71
N SER A 89 -2.37 2.69 11.02
CA SER A 89 -2.63 3.99 11.64
C SER A 89 -1.71 5.03 11.05
N ASP A 90 -0.45 4.65 10.91
CA ASP A 90 0.63 5.45 10.37
C ASP A 90 0.32 5.83 8.94
N LEU A 91 -0.24 4.87 8.20
CA LEU A 91 -0.45 5.10 6.79
C LEU A 91 -1.68 5.95 6.51
N GLU A 92 -2.73 5.81 7.33
N GLU A 92 -2.72 5.80 7.32
CA GLU A 92 -3.92 6.63 7.12
CA GLU A 92 -3.92 6.64 7.19
C GLU A 92 -3.65 8.09 7.52
C GLU A 92 -3.53 8.11 7.23
N VAL A 93 -2.39 8.38 7.87
CA VAL A 93 -1.96 9.77 8.10
C VAL A 93 -1.53 10.39 6.79
N VAL A 94 -0.68 9.68 6.07
CA VAL A 94 -0.28 10.05 4.72
C VAL A 94 -1.48 10.16 3.79
N VAL A 95 -2.39 9.20 3.89
CA VAL A 95 -3.63 9.18 3.11
C VAL A 95 -4.48 10.41 3.42
N GLN A 96 -4.41 10.89 4.65
CA GLN A 96 -5.22 12.03 5.04
C GLN A 96 -4.59 13.35 4.61
N THR A 97 -3.27 13.37 4.53
CA THR A 97 -2.53 14.51 3.95
C THR A 97 -2.89 14.65 2.46
N PHE A 98 -2.82 13.54 1.74
CA PHE A 98 -3.24 13.45 0.36
C PHE A 98 -4.65 13.99 0.17
N HIS A 99 -5.57 13.58 1.04
CA HIS A 99 -6.96 14.02 0.99
C HIS A 99 -7.11 15.50 1.37
N GLY A 100 -6.84 15.80 2.63
CA GLY A 100 -7.05 17.13 3.19
C GLY A 100 -6.21 18.26 2.60
N ASP A 101 -4.91 18.02 2.42
CA ASP A 101 -3.94 19.04 1.99
C ASP A 101 -3.88 19.24 0.48
N LEU A 102 -4.27 18.20 -0.25
CA LEU A 102 -4.08 18.23 -1.68
C LEU A 102 -5.41 18.16 -2.42
N LEU A 103 -6.16 17.07 -2.20
CA LEU A 103 -7.40 16.81 -2.94
C LEU A 103 -8.56 17.75 -2.62
N GLN A 104 -8.70 18.18 -1.37
CA GLN A 104 -9.75 19.16 -1.03
C GLN A 104 -9.35 20.55 -1.51
N HIS A 105 -8.04 20.75 -1.66
CA HIS A 105 -7.53 22.04 -2.09
C HIS A 105 -7.86 22.32 -3.55
N MET A 106 -7.61 21.35 -4.42
CA MET A 106 -7.83 21.53 -5.84
C MET A 106 -9.30 21.71 -6.19
N GLU A 107 -10.18 20.85 -5.68
CA GLU A 107 -11.61 21.01 -5.98
C GLU A 107 -12.20 22.29 -5.39
N LYS A 108 -11.58 22.80 -4.33
CA LYS A 108 -12.08 23.99 -3.65
C LYS A 108 -11.66 25.26 -4.38
N ASN A 109 -10.57 25.18 -5.13
CA ASN A 109 -9.98 26.36 -5.73
C ASN A 109 -9.87 26.29 -7.25
N THR A 110 -9.99 25.09 -7.81
CA THR A 110 -9.88 24.92 -9.27
C THR A 110 -10.72 25.90 -10.11
N LYS A 111 -11.98 26.13 -9.74
N LYS A 111 -11.99 26.10 -9.74
CA LYS A 111 -12.83 27.06 -10.48
CA LYS A 111 -12.85 27.05 -10.45
C LYS A 111 -12.54 28.51 -10.08
C LYS A 111 -12.48 28.49 -10.10
N LEU A 112 -12.14 28.71 -8.83
CA LEU A 112 -11.72 30.02 -8.35
C LEU A 112 -10.50 30.51 -9.10
N ASP A 113 -9.64 29.59 -9.52
CA ASP A 113 -8.45 29.96 -10.25
C ASP A 113 -8.69 29.94 -11.76
N MET A 114 -9.69 29.17 -12.21
CA MET A 114 -10.09 29.26 -13.60
C MET A 114 -10.55 30.69 -13.87
N GLN A 115 -11.54 31.14 -13.09
CA GLN A 115 -12.09 32.48 -13.20
C GLN A 115 -11.03 33.59 -13.04
N PHE A 116 -10.02 33.33 -12.23
CA PHE A 116 -8.95 34.30 -12.02
C PHE A 116 -8.16 34.54 -13.30
N ILE A 117 -7.67 33.44 -13.88
CA ILE A 117 -6.94 33.49 -15.14
C ILE A 117 -7.83 33.95 -16.30
N LYS A 118 -9.14 33.73 -16.17
CA LYS A 118 -10.10 34.16 -17.19
C LYS A 118 -10.21 35.69 -17.19
N ASP A 119 -10.27 36.28 -16.00
CA ASP A 119 -10.30 37.73 -15.85
C ASP A 119 -8.97 38.34 -16.26
N SER A 120 -7.88 37.68 -15.90
CA SER A 120 -6.54 38.10 -16.27
C SER A 120 -6.43 38.18 -17.79
N CYS A 121 -6.75 37.06 -18.44
CA CYS A 121 -6.75 36.99 -19.88
C CYS A 121 -7.63 38.06 -20.54
N GLN A 122 -8.82 38.30 -19.97
CA GLN A 122 -9.74 39.31 -20.51
C GLN A 122 -9.17 40.70 -20.37
N HIS A 123 -8.66 41.02 -19.18
CA HIS A 123 -8.02 42.30 -18.93
C HIS A 123 -6.96 42.55 -19.99
N TYR A 124 -6.13 41.54 -20.23
CA TYR A 124 -5.06 41.67 -21.21
C TYR A 124 -5.60 41.90 -22.61
N GLU A 125 -6.52 41.05 -23.05
CA GLU A 125 -7.03 41.20 -24.41
C GLU A 125 -7.62 42.60 -24.63
N ILE A 126 -8.49 43.03 -23.71
CA ILE A 126 -9.18 44.31 -23.83
C ILE A 126 -8.21 45.49 -23.84
N GLU A 127 -7.14 45.42 -23.07
CA GLU A 127 -6.19 46.53 -23.06
C GLU A 127 -5.39 46.55 -24.35
N TYR A 128 -5.11 45.37 -24.89
CA TYR A 128 -4.39 45.26 -26.15
C TYR A 128 -5.20 45.88 -27.28
N ARG A 129 -6.47 45.53 -27.34
CA ARG A 129 -7.37 46.08 -28.35
C ARG A 129 -7.44 47.61 -28.33
N HIS A 130 -7.47 48.21 -27.15
CA HIS A 130 -7.56 49.66 -27.02
C HIS A 130 -6.30 50.38 -27.50
N ARG A 131 -5.16 49.98 -26.95
CA ARG A 131 -3.86 50.52 -27.34
C ARG A 131 -3.68 50.38 -28.84
N ALA A 132 -4.05 49.20 -29.35
CA ALA A 132 -3.96 48.90 -30.77
C ALA A 132 -4.79 49.91 -31.55
N ALA A 133 -6.01 50.14 -31.08
CA ALA A 133 -6.94 51.05 -31.74
C ALA A 133 -6.49 52.50 -31.64
N ASN A 134 -6.26 52.95 -30.41
CA ASN A 134 -5.82 54.33 -30.18
CA ASN A 134 -5.81 54.32 -30.17
C ASN A 134 -4.51 54.63 -30.88
N LEU A 135 -3.71 53.58 -31.11
CA LEU A 135 -2.43 53.76 -31.78
C LEU A 135 -2.59 53.90 -33.29
N GLU A 136 -3.23 52.93 -33.92
CA GLU A 136 -3.34 52.92 -35.38
C GLU A 136 -4.16 54.09 -35.90
N LYS A 137 -5.02 54.64 -35.04
CA LYS A 137 -5.82 55.78 -35.44
C LYS A 137 -4.98 57.05 -35.38
N CYS A 138 -4.13 57.14 -34.37
CA CYS A 138 -3.19 58.25 -34.27
C CYS A 138 -2.24 58.23 -35.45
N MET A 139 -1.89 57.05 -35.92
CA MET A 139 -1.01 56.94 -37.07
C MET A 139 -1.67 57.60 -38.27
N SER A 140 -2.97 57.37 -38.43
CA SER A 140 -3.71 57.94 -39.56
C SER A 140 -3.81 59.44 -39.47
N GLU A 141 -4.15 59.96 -38.29
CA GLU A 141 -4.08 61.39 -38.06
C GLU A 141 -2.75 61.94 -38.56
N LEU A 142 -1.65 61.35 -38.06
CA LEU A 142 -0.31 61.73 -38.50
C LEU A 142 -0.13 61.49 -40.00
N TRP A 143 -0.64 60.37 -40.47
CA TRP A 143 -0.53 59.96 -41.88
C TRP A 143 -1.17 60.96 -42.84
N ARG A 144 -2.19 61.68 -42.39
CA ARG A 144 -2.93 62.56 -43.30
C ARG A 144 -2.69 64.05 -43.02
N MET A 145 -2.47 64.41 -41.75
CA MET A 145 -1.98 65.74 -41.43
C MET A 145 -0.51 65.73 -41.87
N GLU A 146 -0.17 64.71 -42.62
CA GLU A 146 1.18 64.53 -43.15
C GLU A 146 1.26 65.15 -44.55
N ARG A 147 0.50 64.60 -45.49
CA ARG A 147 0.42 65.16 -46.84
C ARG A 147 -0.22 66.55 -46.79
N LYS A 148 -1.06 66.78 -45.79
CA LYS A 148 -1.69 68.07 -45.58
C LYS A 148 -0.64 69.13 -45.25
N ARG A 149 0.62 68.72 -45.21
CA ARG A 149 1.74 69.61 -44.94
C ARG A 149 1.48 70.44 -43.68
N ASP A 150 0.99 69.76 -42.65
CA ASP A 150 0.67 70.39 -41.38
C ASP A 150 1.93 70.61 -40.55
N LYS A 151 2.03 71.77 -39.91
CA LYS A 151 3.18 72.09 -39.08
C LYS A 151 3.12 71.35 -37.76
N ASN A 152 1.91 71.10 -37.28
CA ASN A 152 1.70 70.45 -36.00
C ASN A 152 1.82 68.92 -36.13
N ALA A 153 2.42 68.49 -37.23
CA ALA A 153 2.67 67.08 -37.48
C ALA A 153 3.80 66.53 -36.61
N ARG A 154 4.56 67.43 -35.99
CA ARG A 154 5.69 67.03 -35.15
C ARG A 154 5.26 66.61 -33.74
N GLU A 155 4.20 67.24 -33.23
CA GLU A 155 3.65 66.87 -31.94
C GLU A 155 2.85 65.58 -32.09
N MET A 156 2.40 65.32 -33.31
CA MET A 156 1.66 64.12 -33.62
C MET A 156 2.58 62.95 -33.92
N LYS A 157 3.82 63.25 -34.35
CA LYS A 157 4.78 62.19 -34.62
C LYS A 157 5.33 61.62 -33.32
N GLU A 158 5.45 62.48 -32.30
CA GLU A 158 5.93 62.08 -31.00
CA GLU A 158 5.93 62.05 -31.00
C GLU A 158 4.83 61.43 -30.15
N SER A 159 3.60 61.90 -30.35
CA SER A 159 2.44 61.34 -29.67
C SER A 159 2.22 59.89 -30.13
N VAL A 160 2.53 59.63 -31.40
CA VAL A 160 2.43 58.29 -31.96
C VAL A 160 3.60 57.42 -31.53
N ASN A 161 4.80 57.99 -31.53
CA ASN A 161 5.99 57.22 -31.19
C ASN A 161 6.03 56.76 -29.74
N ARG A 162 5.56 57.59 -28.82
CA ARG A 162 5.50 57.20 -27.41
C ARG A 162 4.40 56.17 -27.19
N LEU A 163 3.30 56.32 -27.94
CA LEU A 163 2.17 55.41 -27.86
C LEU A 163 2.58 53.99 -28.26
N HIS A 164 3.48 53.89 -29.23
CA HIS A 164 4.03 52.63 -29.69
C HIS A 164 5.06 52.08 -28.74
N ALA A 165 5.79 52.97 -28.07
CA ALA A 165 6.77 52.53 -27.06
C ALA A 165 6.04 51.91 -25.87
N GLN A 166 4.96 52.56 -25.43
CA GLN A 166 4.14 52.07 -24.33
C GLN A 166 3.50 50.71 -24.62
N MET A 167 3.09 50.53 -25.88
CA MET A 167 2.54 49.25 -26.29
C MET A 167 3.61 48.14 -26.32
N GLN A 168 4.83 48.50 -26.70
CA GLN A 168 5.91 47.54 -26.65
C GLN A 168 6.14 47.09 -25.21
N ALA A 169 6.15 48.07 -24.30
CA ALA A 169 6.36 47.82 -22.88
C ALA A 169 5.29 46.89 -22.32
N PHE A 170 4.04 47.30 -22.51
CA PHE A 170 2.86 46.54 -22.07
C PHE A 170 2.83 45.11 -22.61
N VAL A 171 2.91 44.97 -23.92
CA VAL A 171 2.93 43.68 -24.57
C VAL A 171 4.07 42.80 -24.06
N SER A 172 5.22 43.41 -23.81
CA SER A 172 6.39 42.66 -23.35
C SER A 172 6.20 42.21 -21.91
N GLU A 173 5.60 43.09 -21.11
CA GLU A 173 5.35 42.82 -19.70
C GLU A 173 4.26 41.76 -19.50
N SER A 174 3.26 41.78 -20.38
CA SER A 174 2.15 40.84 -20.31
C SER A 174 2.58 39.41 -20.56
N LYS A 175 3.45 39.25 -21.56
CA LYS A 175 3.97 37.92 -21.91
C LYS A 175 4.78 37.33 -20.77
N ARG A 176 5.57 38.16 -20.11
CA ARG A 176 6.33 37.74 -18.93
C ARG A 176 5.39 37.40 -17.77
N ALA A 177 4.41 38.26 -17.51
CA ALA A 177 3.46 38.01 -16.43
C ALA A 177 2.61 36.75 -16.68
N ALA A 178 2.30 36.46 -17.94
CA ALA A 178 1.52 35.27 -18.27
C ALA A 178 2.35 34.00 -18.14
N GLU A 179 3.60 34.07 -18.59
CA GLU A 179 4.57 32.98 -18.38
C GLU A 179 4.70 32.66 -16.91
N LEU A 180 4.81 33.72 -16.11
CA LEU A 180 4.99 33.57 -14.68
C LEU A 180 3.83 32.80 -14.04
N GLU A 181 2.60 33.22 -14.35
CA GLU A 181 1.40 32.55 -13.86
C GLU A 181 1.39 31.07 -14.19
N GLU A 182 1.81 30.75 -15.41
CA GLU A 182 1.88 29.37 -15.83
C GLU A 182 2.84 28.61 -14.94
N LYS A 183 4.03 29.18 -14.76
CA LYS A 183 5.04 28.54 -13.91
C LYS A 183 4.57 28.41 -12.47
N ARG A 184 3.84 29.41 -11.98
CA ARG A 184 3.38 29.39 -10.60
C ARG A 184 2.46 28.20 -10.35
N ARG A 185 1.69 27.84 -11.36
CA ARG A 185 0.75 26.72 -11.27
C ARG A 185 1.43 25.36 -11.40
N TYR A 186 2.45 25.24 -12.26
CA TYR A 186 3.25 24.01 -12.21
C TYR A 186 3.93 23.84 -10.85
N ARG A 187 4.56 24.91 -10.38
CA ARG A 187 5.25 24.90 -9.10
C ARG A 187 4.35 24.49 -7.94
N PHE A 188 3.10 24.92 -7.97
CA PHE A 188 2.16 24.61 -6.89
C PHE A 188 1.83 23.13 -6.92
N LEU A 189 1.78 22.54 -8.12
CA LEU A 189 1.49 21.12 -8.27
C LEU A 189 2.69 20.33 -7.76
N ALA A 190 3.88 20.74 -8.20
CA ALA A 190 5.12 20.14 -7.74
C ALA A 190 5.31 20.27 -6.21
N GLU A 191 4.92 21.39 -5.63
CA GLU A 191 5.15 21.62 -4.19
C GLU A 191 4.23 20.73 -3.35
N LYS A 192 2.95 20.70 -3.69
CA LYS A 192 1.98 19.86 -2.97
C LYS A 192 2.39 18.40 -3.02
N HIS A 193 2.99 17.98 -4.11
CA HIS A 193 3.39 16.59 -4.25
C HIS A 193 4.70 16.32 -3.56
N LEU A 194 5.47 17.37 -3.35
CA LEU A 194 6.68 17.29 -2.53
C LEU A 194 6.30 17.08 -1.06
N LEU A 195 5.26 17.77 -0.60
CA LEU A 195 4.77 17.56 0.77
C LEU A 195 4.27 16.12 0.95
N LEU A 196 3.51 15.62 -0.02
CA LEU A 196 3.08 14.23 0.07
C LEU A 196 4.28 13.30 0.13
N SER A 197 5.23 13.47 -0.79
CA SER A 197 6.42 12.62 -0.83
C SER A 197 7.16 12.62 0.49
N ASN A 198 7.09 13.75 1.19
CA ASN A 198 7.79 13.94 2.45
C ASN A 198 7.10 13.22 3.62
N THR A 199 5.79 13.37 3.71
CA THR A 199 5.03 12.67 4.73
C THR A 199 5.21 11.16 4.55
N PHE A 200 5.20 10.71 3.30
CA PHE A 200 5.27 9.30 3.00
C PHE A 200 6.65 8.74 3.29
N LEU A 201 7.67 9.56 3.01
CA LEU A 201 9.03 9.27 3.46
C LEU A 201 9.09 9.06 4.99
N GLN A 202 8.35 9.89 5.72
CA GLN A 202 8.35 9.80 7.19
C GLN A 202 7.74 8.49 7.66
N PHE A 203 6.66 8.09 7.01
CA PHE A 203 6.03 6.82 7.31
C PHE A 203 6.99 5.68 7.04
N LEU A 204 7.77 5.79 5.96
CA LEU A 204 8.75 4.76 5.62
C LEU A 204 9.75 4.50 6.73
N GLY A 205 10.17 5.57 7.43
CA GLY A 205 11.16 5.45 8.47
C GLY A 205 10.60 4.87 9.77
N ARG A 206 9.34 5.20 10.05
CA ARG A 206 8.62 4.70 11.19
C ARG A 206 8.38 3.19 11.06
N ALA A 207 7.71 2.81 9.98
CA ALA A 207 7.43 1.41 9.69
C ALA A 207 8.72 0.59 9.63
N ARG A 208 9.73 1.10 8.95
CA ARG A 208 11.01 0.43 8.91
C ARG A 208 11.58 0.33 10.32
N GLY A 209 11.33 1.37 11.12
CA GLY A 209 11.75 1.39 12.51
C GLY A 209 11.30 0.17 13.29
N MET A 210 9.98 -0.09 13.30
CA MET A 210 9.45 -1.18 14.11
C MET A 210 9.68 -2.56 13.53
N LEU A 211 9.87 -2.65 12.23
CA LEU A 211 10.08 -3.95 11.61
C LEU A 211 11.50 -4.47 11.82
N GLN A 212 12.44 -3.57 12.10
CA GLN A 212 13.82 -3.98 12.29
C GLN A 212 13.97 -4.70 13.61
N ASN A 213 13.09 -4.40 14.55
CA ASN A 213 13.08 -5.08 15.83
C ASN A 213 12.07 -6.23 15.83
N ARG A 214 10.84 -6.02 15.33
CA ARG A 214 9.87 -7.10 15.31
CA ARG A 214 9.86 -7.10 15.27
C ARG A 214 10.49 -8.36 14.71
N VAL A 215 11.10 -8.24 13.53
CA VAL A 215 11.71 -9.39 12.87
C VAL A 215 12.70 -10.13 13.79
N LEU A 216 13.33 -9.40 14.70
CA LEU A 216 14.26 -9.99 15.65
C LEU A 216 13.53 -10.64 16.82
N LEU A 217 12.50 -9.97 17.34
CA LEU A 217 11.77 -10.53 18.49
C LEU A 217 10.94 -11.76 18.09
N TRP A 218 10.61 -11.87 16.82
CA TRP A 218 9.76 -12.95 16.33
C TRP A 218 10.54 -14.13 15.77
N LYS A 219 11.83 -14.11 15.95
CA LYS A 219 12.61 -15.22 15.55
C LYS A 219 12.33 -16.15 16.70
N GLU A 220 12.49 -17.43 16.50
CA GLU A 220 12.26 -18.26 17.63
C GLU A 220 13.49 -18.96 18.10
N GLN A 221 14.63 -18.63 17.50
CA GLN A 221 15.91 -18.79 18.18
C GLN A 221 17.20 -18.29 17.52
N SER A 222 18.29 -18.49 18.26
CA SER A 222 19.68 -18.51 17.79
C SER A 222 20.52 -17.34 18.22
N ALA B 4 -8.25 -48.22 32.46
CA ALA B 4 -8.82 -47.39 33.51
C ALA B 4 -9.22 -46.04 32.98
N PRO B 5 -10.44 -45.62 33.31
CA PRO B 5 -10.90 -44.30 32.88
C PRO B 5 -10.32 -43.11 33.60
N GLU B 6 -9.02 -42.95 33.36
CA GLU B 6 -8.28 -41.72 33.31
C GLU B 6 -7.50 -41.86 32.04
N MET B 7 -7.41 -43.09 31.56
CA MET B 7 -6.72 -43.41 30.33
C MET B 7 -7.66 -43.07 29.25
N ASP B 8 -8.91 -43.07 29.62
CA ASP B 8 -9.96 -42.65 28.70
C ASP B 8 -9.88 -41.15 28.48
N GLN B 9 -9.54 -40.43 29.55
CA GLN B 9 -9.48 -38.98 29.50
C GLN B 9 -8.28 -38.50 28.68
N PHE B 10 -7.22 -39.31 28.69
CA PHE B 10 -6.08 -39.14 27.79
C PHE B 10 -6.54 -39.35 26.36
N TYR B 11 -7.31 -40.41 26.17
CA TYR B 11 -7.81 -40.77 24.87
C TYR B 11 -8.69 -39.67 24.25
N ARG B 12 -9.58 -39.09 25.05
CA ARG B 12 -10.50 -38.10 24.52
C ARG B 12 -9.83 -36.75 24.22
N SER B 13 -8.73 -36.48 24.92
CA SER B 13 -7.95 -35.25 24.75
C SER B 13 -7.04 -35.36 23.55
N THR B 14 -6.42 -36.52 23.39
CA THR B 14 -5.56 -36.80 22.24
C THR B 14 -6.33 -36.79 20.94
N MET B 15 -7.62 -37.12 21.01
CA MET B 15 -8.49 -37.05 19.85
C MET B 15 -9.01 -35.63 19.68
N ALA B 16 -9.23 -34.95 20.80
CA ALA B 16 -9.77 -33.60 20.78
C ALA B 16 -8.77 -32.70 20.07
N ILE B 17 -7.49 -33.03 20.19
CA ILE B 17 -6.42 -32.26 19.60
C ILE B 17 -6.36 -32.46 18.10
N TYR B 18 -6.30 -33.73 17.67
CA TYR B 18 -6.34 -34.02 16.24
C TYR B 18 -7.59 -33.44 15.58
N LYS B 19 -8.75 -33.68 16.18
CA LYS B 19 -10.01 -33.19 15.64
C LYS B 19 -10.07 -31.67 15.57
N SER B 20 -9.40 -30.99 16.51
CA SER B 20 -9.38 -29.52 16.47
C SER B 20 -8.56 -28.98 15.30
N ILE B 21 -7.34 -29.51 15.13
CA ILE B 21 -6.53 -29.19 13.96
C ILE B 21 -7.39 -29.32 12.71
N MET B 22 -8.21 -30.36 12.67
CA MET B 22 -8.95 -30.74 11.46
C MET B 22 -10.24 -29.95 11.29
N GLU B 23 -10.89 -29.62 12.40
CA GLU B 23 -12.23 -29.00 12.38
C GLU B 23 -12.22 -27.49 12.70
N GLN B 24 -11.12 -27.03 13.30
CA GLN B 24 -11.02 -25.62 13.69
C GLN B 24 -9.89 -24.90 12.95
N PHE B 25 -8.67 -25.39 13.14
CA PHE B 25 -7.49 -24.76 12.54
C PHE B 25 -7.51 -24.72 11.01
N ASN B 26 -7.70 -25.86 10.38
CA ASN B 26 -7.61 -25.90 8.93
CA ASN B 26 -7.69 -26.01 8.92
C ASN B 26 -8.72 -25.13 8.20
N PRO B 27 -9.96 -25.07 8.74
CA PRO B 27 -10.99 -24.19 8.14
C PRO B 27 -10.71 -22.70 8.44
N ALA B 28 -9.84 -22.45 9.40
CA ALA B 28 -9.46 -21.09 9.73
C ALA B 28 -8.42 -20.64 8.72
N LEU B 29 -7.56 -21.58 8.31
CA LEU B 29 -6.57 -21.35 7.27
C LEU B 29 -7.20 -21.19 5.90
N GLU B 30 -8.27 -21.93 5.63
CA GLU B 30 -8.96 -21.75 4.35
C GLU B 30 -9.57 -20.37 4.27
N ASN B 31 -10.15 -19.93 5.39
CA ASN B 31 -10.65 -18.58 5.48
C ASN B 31 -9.49 -17.61 5.29
N LEU B 32 -8.34 -17.94 5.85
CA LEU B 32 -7.17 -17.07 5.78
C LEU B 32 -6.66 -16.92 4.36
N VAL B 33 -6.80 -17.98 3.55
CA VAL B 33 -6.43 -17.95 2.15
C VAL B 33 -7.36 -17.01 1.39
N TYR B 34 -8.66 -17.14 1.63
CA TYR B 34 -9.64 -16.22 1.04
C TYR B 34 -9.35 -14.76 1.36
N LEU B 35 -9.18 -14.45 2.64
CA LEU B 35 -8.85 -13.08 3.05
C LEU B 35 -7.51 -12.68 2.48
N GLY B 36 -6.61 -13.65 2.34
CA GLY B 36 -5.33 -13.41 1.70
C GLY B 36 -5.51 -12.91 0.29
N ASN B 37 -6.26 -13.64 -0.53
CA ASN B 37 -6.52 -13.23 -1.91
C ASN B 37 -7.38 -11.96 -2.04
N ASN B 38 -8.30 -11.74 -1.10
CA ASN B 38 -9.04 -10.49 -1.09
C ASN B 38 -8.05 -9.34 -0.89
N TYR B 39 -7.14 -9.52 0.05
CA TYR B 39 -6.07 -8.58 0.32
C TYR B 39 -5.25 -8.30 -0.94
N LEU B 40 -4.83 -9.37 -1.61
CA LEU B 40 -4.06 -9.26 -2.85
C LEU B 40 -4.83 -8.48 -3.89
N ARG B 41 -6.13 -8.74 -3.93
CA ARG B 41 -7.02 -8.08 -4.88
C ARG B 41 -7.07 -6.57 -4.63
N ALA B 42 -7.18 -6.15 -3.38
CA ALA B 42 -7.23 -4.72 -3.08
C ALA B 42 -5.90 -4.00 -3.35
N PHE B 43 -4.79 -4.72 -3.16
CA PHE B 43 -3.48 -4.17 -3.49
C PHE B 43 -3.29 -3.91 -4.98
N HIS B 44 -3.65 -4.88 -5.82
CA HIS B 44 -3.48 -4.68 -7.26
C HIS B 44 -4.41 -3.58 -7.81
N ALA B 45 -5.47 -3.30 -7.06
CA ALA B 45 -6.38 -2.21 -7.43
C ALA B 45 -5.83 -0.85 -7.02
N LEU B 46 -5.21 -0.78 -5.85
CA LEU B 46 -4.53 0.40 -5.36
C LEU B 46 -3.39 0.73 -6.33
N SER B 47 -2.64 -0.30 -6.70
CA SER B 47 -1.57 -0.17 -7.67
CA SER B 47 -1.55 -0.13 -7.66
C SER B 47 -2.08 0.49 -8.94
N GLU B 48 -3.20 -0.04 -9.44
CA GLU B 48 -3.79 0.47 -10.67
CA GLU B 48 -3.86 0.44 -10.65
C GLU B 48 -4.29 1.90 -10.53
N ALA B 49 -4.88 2.24 -9.40
CA ALA B 49 -5.31 3.60 -9.13
C ALA B 49 -4.11 4.54 -9.13
N ALA B 50 -3.07 4.19 -8.36
CA ALA B 50 -1.88 5.01 -8.21
C ALA B 50 -1.16 5.20 -9.53
N GLU B 51 -1.20 4.15 -10.33
CA GLU B 51 -0.54 4.09 -11.63
CA GLU B 51 -0.51 4.12 -11.61
C GLU B 51 -1.20 5.07 -12.58
N VAL B 52 -2.53 5.09 -12.55
CA VAL B 52 -3.27 5.96 -13.43
C VAL B 52 -3.08 7.40 -12.99
N TYR B 53 -3.06 7.61 -11.68
CA TYR B 53 -2.95 8.95 -11.10
C TYR B 53 -1.64 9.61 -11.48
N PHE B 54 -0.56 8.86 -11.38
CA PHE B 54 0.78 9.38 -11.67
C PHE B 54 1.14 9.35 -13.14
N SER B 55 0.33 8.66 -13.94
CA SER B 55 0.46 8.72 -15.37
C SER B 55 -0.03 10.10 -15.83
N ALA B 56 -1.00 10.64 -15.09
CA ALA B 56 -1.55 11.96 -15.36
C ALA B 56 -0.60 13.06 -14.86
N ILE B 57 -0.07 12.88 -13.66
CA ILE B 57 0.95 13.78 -13.15
C ILE B 57 2.09 13.94 -14.16
N GLN B 58 2.55 12.82 -14.72
CA GLN B 58 3.62 12.83 -15.71
C GLN B 58 3.24 13.54 -17.04
N LYS B 59 1.98 13.48 -17.44
CA LYS B 59 1.55 14.14 -18.66
C LYS B 59 1.76 15.65 -18.46
N ILE B 60 1.40 16.09 -17.25
CA ILE B 60 1.49 17.50 -16.89
C ILE B 60 2.94 17.92 -16.90
N GLY B 61 3.81 17.05 -16.39
CA GLY B 61 5.24 17.28 -16.42
C GLY B 61 5.74 17.43 -17.85
N GLU B 62 5.17 16.63 -18.74
CA GLU B 62 5.55 16.64 -20.15
C GLU B 62 5.04 17.91 -20.86
N GLN B 63 3.94 18.47 -20.35
CA GLN B 63 3.43 19.74 -20.85
C GLN B 63 4.29 20.90 -20.31
N ALA B 64 4.78 20.78 -19.08
CA ALA B 64 5.68 21.78 -18.51
C ALA B 64 7.04 21.74 -19.19
N LEU B 65 7.50 20.53 -19.50
CA LEU B 65 8.72 20.35 -20.28
C LEU B 65 8.69 21.05 -21.65
N GLN B 66 7.49 21.38 -22.14
CA GLN B 66 7.35 22.07 -23.44
CA GLN B 66 7.33 22.06 -23.43
C GLN B 66 6.92 23.54 -23.31
N SER B 67 7.01 24.09 -22.10
CA SER B 67 6.74 25.52 -21.91
C SER B 67 8.05 26.29 -22.04
N SER B 68 7.98 27.61 -21.90
CA SER B 68 9.16 28.45 -21.99
C SER B 68 9.99 28.49 -20.71
N THR B 69 9.36 28.54 -19.54
CA THR B 69 10.11 28.72 -18.31
C THR B 69 9.91 27.60 -17.25
N SER B 70 8.98 26.68 -17.49
CA SER B 70 8.66 25.66 -16.49
C SER B 70 9.26 24.30 -16.76
N GLN B 71 10.41 24.24 -17.44
CA GLN B 71 11.01 22.96 -17.78
CA GLN B 71 11.06 22.98 -17.79
C GLN B 71 11.52 22.20 -16.57
N ILE B 72 12.09 22.92 -15.61
CA ILE B 72 12.65 22.28 -14.43
C ILE B 72 11.57 21.67 -13.52
N LEU B 73 10.47 22.39 -13.33
CA LEU B 73 9.32 21.90 -12.59
C LEU B 73 8.66 20.72 -13.30
N GLY B 74 8.71 20.73 -14.62
CA GLY B 74 8.15 19.67 -15.42
C GLY B 74 9.02 18.43 -15.34
N GLU B 75 10.33 18.64 -15.27
CA GLU B 75 11.24 17.51 -15.11
C GLU B 75 11.03 16.84 -13.76
N ILE B 76 10.71 17.64 -12.74
CA ILE B 76 10.49 17.16 -11.38
CA ILE B 76 10.50 17.15 -11.39
C ILE B 76 9.24 16.28 -11.30
N LEU B 77 8.14 16.79 -11.86
CA LEU B 77 6.87 16.08 -11.91
C LEU B 77 7.01 14.71 -12.60
N VAL B 78 7.78 14.67 -13.69
CA VAL B 78 8.04 13.44 -14.42
C VAL B 78 8.93 12.49 -13.63
N GLN B 79 9.87 13.09 -12.89
CA GLN B 79 10.74 12.33 -11.99
C GLN B 79 9.94 11.79 -10.80
N MET B 80 8.82 12.43 -10.49
CA MET B 80 7.96 11.99 -9.41
C MET B 80 7.11 10.77 -9.81
N SER B 81 6.56 10.79 -11.03
CA SER B 81 5.89 9.64 -11.63
C SER B 81 6.86 8.48 -11.78
N ASP B 82 8.05 8.75 -12.31
CA ASP B 82 9.01 7.68 -12.51
CA ASP B 82 9.04 7.70 -12.50
C ASP B 82 9.35 6.99 -11.18
N THR B 83 9.29 7.76 -10.09
CA THR B 83 9.62 7.27 -8.77
C THR B 83 8.50 6.41 -8.21
N GLN B 84 7.26 6.90 -8.26
CA GLN B 84 6.10 6.08 -7.91
C GLN B 84 6.10 4.75 -8.66
N ARG B 85 6.33 4.80 -9.96
CA ARG B 85 6.39 3.61 -10.79
C ARG B 85 7.45 2.62 -10.31
N HIS B 86 8.64 3.11 -9.98
CA HIS B 86 9.74 2.28 -9.50
CA HIS B 86 9.72 2.23 -9.51
C HIS B 86 9.38 1.64 -8.14
N LEU B 87 8.79 2.45 -7.27
CA LEU B 87 8.37 1.97 -5.97
C LEU B 87 7.29 0.90 -6.09
N ASN B 88 6.24 1.16 -6.88
CA ASN B 88 5.21 0.17 -7.16
CA ASN B 88 5.22 0.14 -7.07
C ASN B 88 5.79 -1.15 -7.66
N SER B 89 6.70 -1.02 -8.61
CA SER B 89 7.34 -2.20 -9.20
C SER B 89 8.05 -3.01 -8.12
N ASP B 90 8.73 -2.30 -7.23
CA ASP B 90 9.57 -2.89 -6.21
C ASP B 90 8.71 -3.57 -5.15
N LEU B 91 7.52 -3.01 -4.92
CA LEU B 91 6.64 -3.48 -3.87
C LEU B 91 5.78 -4.66 -4.33
N GLU B 92 5.27 -4.59 -5.57
CA GLU B 92 4.53 -5.70 -6.15
CA GLU B 92 4.51 -5.70 -6.12
C GLU B 92 5.36 -6.99 -6.07
N VAL B 93 6.68 -6.84 -5.99
CA VAL B 93 7.59 -7.97 -5.81
C VAL B 93 7.41 -8.63 -4.45
N VAL B 94 7.29 -7.79 -3.42
CA VAL B 94 7.04 -8.26 -2.07
C VAL B 94 5.68 -8.96 -2.01
N VAL B 95 4.69 -8.32 -2.65
CA VAL B 95 3.34 -8.84 -2.73
C VAL B 95 3.26 -10.24 -3.36
N GLN B 96 4.13 -10.52 -4.34
CA GLN B 96 4.12 -11.83 -4.96
CA GLN B 96 4.18 -11.83 -4.98
C GLN B 96 4.75 -12.89 -4.04
N THR B 97 5.54 -12.45 -3.08
CA THR B 97 6.08 -13.34 -2.06
C THR B 97 4.90 -13.87 -1.25
N PHE B 98 4.04 -12.93 -0.83
CA PHE B 98 2.81 -13.23 -0.13
C PHE B 98 2.06 -14.34 -0.83
N HIS B 99 1.68 -14.09 -2.08
CA HIS B 99 0.93 -15.05 -2.90
C HIS B 99 1.65 -16.37 -3.11
N GLY B 100 2.93 -16.29 -3.44
CA GLY B 100 3.70 -17.46 -3.84
C GLY B 100 4.29 -18.27 -2.71
N ASP B 101 4.96 -17.60 -1.78
CA ASP B 101 5.61 -18.27 -0.65
C ASP B 101 4.64 -18.61 0.49
N LEU B 102 3.57 -17.83 0.63
CA LEU B 102 2.59 -18.10 1.68
C LEU B 102 1.27 -18.70 1.16
N LEU B 103 0.45 -17.88 0.51
CA LEU B 103 -0.93 -18.22 0.18
C LEU B 103 -1.07 -19.53 -0.60
N GLN B 104 -0.21 -19.72 -1.59
CA GLN B 104 -0.23 -20.92 -2.41
C GLN B 104 0.17 -22.12 -1.60
N HIS B 105 1.18 -21.93 -0.75
CA HIS B 105 1.67 -23.00 0.11
C HIS B 105 0.62 -23.43 1.14
N MET B 106 -0.14 -22.48 1.68
CA MET B 106 -1.22 -22.77 2.60
C MET B 106 -2.31 -23.55 1.93
N GLU B 107 -2.60 -23.17 0.70
CA GLU B 107 -3.64 -23.81 -0.08
C GLU B 107 -3.48 -25.31 0.04
N LYS B 108 -2.31 -25.81 -0.39
CA LYS B 108 -2.09 -27.26 -0.44
CA LYS B 108 -2.12 -27.26 -0.44
C LYS B 108 -2.02 -27.84 0.96
N ASN B 109 -1.30 -27.18 1.85
CA ASN B 109 -1.23 -27.68 3.22
C ASN B 109 -2.60 -27.94 3.85
N THR B 110 -3.56 -27.07 3.57
CA THR B 110 -4.92 -27.24 4.10
C THR B 110 -5.71 -28.29 3.33
N LYS B 111 -5.09 -28.87 2.31
CA LYS B 111 -5.72 -29.94 1.53
C LYS B 111 -5.12 -31.30 1.83
N LEU B 112 -3.79 -31.34 1.85
CA LEU B 112 -3.05 -32.57 2.09
C LEU B 112 -3.12 -32.91 3.57
N ASP B 113 -3.27 -31.87 4.38
CA ASP B 113 -3.23 -32.01 5.84
C ASP B 113 -4.44 -32.78 6.33
N MET B 114 -5.62 -32.42 5.84
CA MET B 114 -6.84 -33.10 6.24
C MET B 114 -6.74 -34.62 6.12
N GLN B 115 -6.03 -35.09 5.09
CA GLN B 115 -5.83 -36.53 4.91
C GLN B 115 -4.88 -37.08 5.96
N PHE B 116 -3.82 -36.32 6.21
CA PHE B 116 -2.85 -36.68 7.23
C PHE B 116 -3.45 -36.80 8.63
N ILE B 117 -4.33 -35.87 8.98
CA ILE B 117 -4.90 -35.85 10.32
C ILE B 117 -5.94 -36.96 10.47
N LYS B 118 -6.67 -37.22 9.39
CA LYS B 118 -7.54 -38.39 9.33
C LYS B 118 -6.76 -39.68 9.59
N ASP B 119 -5.58 -39.79 8.99
CA ASP B 119 -4.79 -41.00 9.12
C ASP B 119 -4.14 -41.13 10.48
N SER B 120 -3.92 -40.00 11.16
CA SER B 120 -3.29 -39.97 12.47
C SER B 120 -4.32 -40.25 13.57
N CYS B 121 -5.54 -39.75 13.40
CA CYS B 121 -6.65 -40.12 14.27
C CYS B 121 -6.85 -41.62 14.22
N GLN B 122 -7.12 -42.12 13.02
CA GLN B 122 -7.39 -43.54 12.85
C GLN B 122 -6.27 -44.38 13.44
N HIS B 123 -5.03 -43.97 13.15
CA HIS B 123 -3.84 -44.72 13.55
C HIS B 123 -3.77 -44.84 15.07
N TYR B 124 -4.04 -43.73 15.75
CA TYR B 124 -4.10 -43.69 17.20
C TYR B 124 -5.24 -44.52 17.78
N GLU B 125 -6.44 -44.36 17.23
CA GLU B 125 -7.59 -45.15 17.63
C GLU B 125 -7.30 -46.66 17.53
N ILE B 126 -6.69 -47.07 16.43
CA ILE B 126 -6.37 -48.47 16.20
CA ILE B 126 -6.36 -48.47 16.19
C ILE B 126 -5.37 -48.97 17.24
N GLU B 127 -4.33 -48.19 17.48
CA GLU B 127 -3.31 -48.56 18.45
C GLU B 127 -3.81 -48.50 19.90
N TYR B 128 -4.58 -47.47 20.25
CA TYR B 128 -5.19 -47.44 21.58
C TYR B 128 -6.02 -48.69 21.86
N ARG B 129 -6.94 -49.01 20.95
CA ARG B 129 -7.84 -50.16 21.11
C ARG B 129 -7.14 -51.51 21.13
N HIS B 130 -6.10 -51.67 20.33
CA HIS B 130 -5.35 -52.90 20.35
C HIS B 130 -4.67 -53.10 21.69
N ARG B 131 -4.19 -52.02 22.30
CA ARG B 131 -3.54 -52.09 23.60
C ARG B 131 -4.52 -52.28 24.76
N ALA B 132 -5.67 -51.63 24.67
CA ALA B 132 -6.75 -51.74 25.63
C ALA B 132 -7.38 -53.13 25.58
N ALA B 133 -7.45 -53.73 24.39
CA ALA B 133 -8.06 -55.05 24.26
C ALA B 133 -7.15 -56.10 24.85
N ASN B 134 -5.87 -56.02 24.52
CA ASN B 134 -4.88 -56.96 25.02
C ASN B 134 -4.68 -56.86 26.52
N LEU B 135 -5.00 -55.69 27.07
CA LEU B 135 -4.87 -55.48 28.50
C LEU B 135 -6.00 -56.22 29.21
N GLU B 136 -7.21 -56.05 28.70
CA GLU B 136 -8.38 -56.77 29.19
C GLU B 136 -8.18 -58.27 29.08
N LYS B 137 -7.51 -58.71 28.03
CA LYS B 137 -7.34 -60.13 27.77
C LYS B 137 -6.39 -60.76 28.79
N CYS B 138 -5.45 -59.96 29.26
CA CYS B 138 -4.47 -60.41 30.24
C CYS B 138 -5.00 -60.29 31.66
N MET B 139 -5.79 -59.27 31.91
CA MET B 139 -6.49 -59.15 33.19
C MET B 139 -7.49 -60.31 33.34
N SER B 140 -8.16 -60.66 32.25
CA SER B 140 -9.08 -61.79 32.25
C SER B 140 -8.38 -63.09 32.56
N GLU B 141 -7.21 -63.29 31.95
CA GLU B 141 -6.44 -64.50 32.18
C GLU B 141 -5.90 -64.54 33.61
N LEU B 142 -5.60 -63.37 34.16
CA LEU B 142 -5.19 -63.27 35.55
C LEU B 142 -6.32 -63.68 36.48
N TRP B 143 -7.49 -63.07 36.33
CA TRP B 143 -8.62 -63.34 37.22
C TRP B 143 -9.08 -64.78 37.14
N ARG B 144 -8.79 -65.42 36.01
CA ARG B 144 -9.15 -66.81 35.80
C ARG B 144 -8.23 -67.69 36.61
N MET B 145 -6.93 -67.42 36.53
CA MET B 145 -5.94 -68.12 37.32
C MET B 145 -6.25 -67.94 38.80
N GLU B 146 -6.69 -66.74 39.15
CA GLU B 146 -7.06 -66.44 40.52
C GLU B 146 -8.26 -67.27 40.98
N ARG B 147 -9.08 -67.70 40.04
CA ARG B 147 -10.21 -68.56 40.36
C ARG B 147 -9.78 -70.00 40.50
N LYS B 148 -8.95 -70.46 39.56
CA LYS B 148 -8.47 -71.83 39.54
C LYS B 148 -7.40 -72.10 40.58
N ARG B 149 -7.05 -71.07 41.36
CA ARG B 149 -5.95 -71.19 42.30
C ARG B 149 -4.69 -71.62 41.56
N ASP B 150 -4.38 -70.92 40.48
CA ASP B 150 -3.18 -71.22 39.70
C ASP B 150 -1.99 -70.48 40.32
N LYS B 151 -0.96 -71.24 40.67
CA LYS B 151 0.24 -70.67 41.29
C LYS B 151 0.89 -69.60 40.41
N ASN B 152 0.62 -69.67 39.10
CA ASN B 152 1.25 -68.80 38.12
C ASN B 152 0.58 -67.45 37.93
N ALA B 153 -0.38 -67.12 38.80
CA ALA B 153 -1.03 -65.82 38.75
C ALA B 153 -0.07 -64.75 39.27
N ARG B 154 0.98 -65.19 39.94
CA ARG B 154 2.00 -64.28 40.45
C ARG B 154 2.80 -63.70 39.30
N GLU B 155 2.99 -64.50 38.26
CA GLU B 155 3.71 -64.05 37.07
C GLU B 155 2.75 -63.57 36.00
N MET B 156 1.48 -63.53 36.34
CA MET B 156 0.48 -62.96 35.45
C MET B 156 0.15 -61.53 35.89
N LYS B 157 0.14 -61.29 37.19
CA LYS B 157 -0.18 -59.99 37.74
C LYS B 157 0.98 -59.05 37.50
N GLU B 158 2.17 -59.62 37.51
CA GLU B 158 3.42 -58.95 37.22
CA GLU B 158 3.34 -58.81 37.24
C GLU B 158 3.45 -58.47 35.77
N SER B 159 2.87 -59.30 34.89
CA SER B 159 2.81 -58.98 33.47
C SER B 159 1.78 -57.90 33.22
N VAL B 160 0.58 -58.11 33.74
CA VAL B 160 -0.47 -57.08 33.72
C VAL B 160 0.07 -55.71 34.19
N ASN B 161 0.94 -55.72 35.20
CA ASN B 161 1.56 -54.48 35.70
C ASN B 161 2.50 -53.86 34.67
N ARG B 162 3.34 -54.69 34.06
CA ARG B 162 4.17 -54.29 32.92
C ARG B 162 3.34 -53.68 31.79
N LEU B 163 2.25 -54.34 31.44
CA LEU B 163 1.40 -53.92 30.33
C LEU B 163 0.70 -52.60 30.61
N HIS B 164 0.21 -52.43 31.83
CA HIS B 164 -0.46 -51.22 32.24
C HIS B 164 0.54 -50.07 32.19
N ALA B 165 1.78 -50.37 32.56
CA ALA B 165 2.86 -49.38 32.49
C ALA B 165 3.19 -48.99 31.04
N GLN B 166 3.34 -49.97 30.16
CA GLN B 166 3.61 -49.69 28.76
C GLN B 166 2.46 -48.91 28.13
N MET B 167 1.26 -49.14 28.64
CA MET B 167 0.08 -48.40 28.20
C MET B 167 0.10 -46.96 28.70
N GLN B 168 0.68 -46.72 29.87
CA GLN B 168 0.80 -45.33 30.37
C GLN B 168 1.76 -44.54 29.49
N ALA B 169 2.82 -45.22 29.06
CA ALA B 169 3.86 -44.62 28.23
C ALA B 169 3.36 -44.31 26.84
N PHE B 170 2.58 -45.22 26.27
CA PHE B 170 2.03 -45.04 24.93
C PHE B 170 1.03 -43.89 24.93
N VAL B 171 0.27 -43.82 26.01
CA VAL B 171 -0.76 -42.80 26.13
C VAL B 171 -0.15 -41.39 26.34
N SER B 172 1.03 -41.33 26.97
CA SER B 172 1.69 -40.06 27.19
CA SER B 172 1.69 -40.06 27.19
C SER B 172 2.41 -39.60 25.91
N GLU B 173 3.12 -40.52 25.27
CA GLU B 173 3.80 -40.24 24.01
C GLU B 173 2.85 -39.74 22.93
N SER B 174 1.76 -40.45 22.73
CA SER B 174 0.78 -40.13 21.69
C SER B 174 0.19 -38.74 21.87
N LYS B 175 0.05 -38.31 23.13
CA LYS B 175 -0.51 -37.00 23.42
C LYS B 175 0.51 -35.91 23.17
N ARG B 176 1.77 -36.17 23.52
CA ARG B 176 2.84 -35.24 23.26
C ARG B 176 3.08 -35.16 21.76
N ALA B 177 2.69 -36.19 21.03
CA ALA B 177 2.90 -36.23 19.60
C ALA B 177 1.77 -35.45 18.89
N ALA B 178 0.58 -35.54 19.46
CA ALA B 178 -0.55 -34.73 19.03
C ALA B 178 -0.27 -33.24 19.25
N GLU B 179 0.21 -32.89 20.43
CA GLU B 179 0.51 -31.50 20.79
C GLU B 179 1.63 -30.95 19.92
N LEU B 180 2.54 -31.85 19.55
CA LEU B 180 3.60 -31.49 18.60
C LEU B 180 3.06 -31.13 17.21
N GLU B 181 1.97 -31.80 16.81
CA GLU B 181 1.42 -31.63 15.46
C GLU B 181 0.68 -30.31 15.39
N GLU B 182 -0.07 -30.04 16.44
CA GLU B 182 -0.83 -28.81 16.58
C GLU B 182 0.10 -27.60 16.59
N LYS B 183 1.24 -27.75 17.27
CA LYS B 183 2.22 -26.69 17.36
C LYS B 183 3.01 -26.49 16.07
N ARG B 184 3.34 -27.57 15.37
CA ARG B 184 3.97 -27.44 14.06
C ARG B 184 3.18 -26.51 13.14
N ARG B 185 1.85 -26.57 13.26
CA ARG B 185 0.99 -25.82 12.37
C ARG B 185 0.92 -24.33 12.70
N TYR B 186 0.88 -24.00 13.99
CA TYR B 186 1.09 -22.62 14.42
C TYR B 186 2.47 -22.14 14.00
N ARG B 187 3.47 -23.00 14.16
CA ARG B 187 4.82 -22.62 13.77
C ARG B 187 4.93 -22.27 12.28
N PHE B 188 4.17 -22.96 11.43
CA PHE B 188 4.15 -22.70 9.99
C PHE B 188 3.58 -21.32 9.69
N LEU B 189 2.42 -21.04 10.27
CA LEU B 189 1.80 -19.71 10.18
C LEU B 189 2.79 -18.60 10.56
N ALA B 190 3.44 -18.75 11.71
CA ALA B 190 4.38 -17.75 12.20
C ALA B 190 5.64 -17.63 11.35
N GLU B 191 6.25 -18.74 10.98
CA GLU B 191 7.44 -18.70 10.13
C GLU B 191 7.16 -17.99 8.79
N LYS B 192 6.02 -18.29 8.18
CA LYS B 192 5.66 -17.71 6.89
C LYS B 192 5.50 -16.21 6.97
N HIS B 193 4.78 -15.72 7.98
CA HIS B 193 4.61 -14.28 8.12
C HIS B 193 5.87 -13.55 8.61
N LEU B 194 6.78 -14.24 9.29
CA LEU B 194 8.08 -13.64 9.63
C LEU B 194 8.89 -13.41 8.35
N LEU B 195 8.78 -14.35 7.42
CA LEU B 195 9.45 -14.25 6.12
C LEU B 195 8.86 -13.12 5.31
N LEU B 196 7.53 -13.01 5.31
CA LEU B 196 6.87 -11.92 4.64
C LEU B 196 7.33 -10.56 5.20
N SER B 197 7.48 -10.52 6.52
CA SER B 197 7.88 -9.34 7.26
C SER B 197 9.28 -8.89 6.90
N ASN B 198 10.19 -9.85 6.75
CA ASN B 198 11.55 -9.55 6.36
C ASN B 198 11.68 -9.10 4.92
N THR B 199 10.93 -9.74 4.04
CA THR B 199 10.85 -9.35 2.65
C THR B 199 10.35 -7.90 2.52
N PHE B 200 9.34 -7.55 3.29
CA PHE B 200 8.76 -6.20 3.30
C PHE B 200 9.70 -5.18 3.95
N LEU B 201 10.47 -5.62 4.95
CA LEU B 201 11.49 -4.78 5.57
C LEU B 201 12.61 -4.39 4.57
N GLN B 202 13.06 -5.35 3.78
CA GLN B 202 14.06 -5.09 2.75
CA GLN B 202 14.07 -5.06 2.77
C GLN B 202 13.54 -4.03 1.79
N PHE B 203 12.28 -4.13 1.45
CA PHE B 203 11.68 -3.17 0.56
C PHE B 203 11.60 -1.78 1.20
N LEU B 204 11.23 -1.72 2.47
CA LEU B 204 11.13 -0.42 3.14
C LEU B 204 12.44 0.33 3.08
N GLY B 205 13.56 -0.41 3.14
CA GLY B 205 14.88 0.16 3.05
C GLY B 205 15.15 0.71 1.66
N ARG B 206 14.90 -0.11 0.65
CA ARG B 206 15.10 0.27 -0.73
C ARG B 206 14.27 1.50 -1.07
N ALA B 207 13.07 1.58 -0.48
CA ALA B 207 12.14 2.66 -0.80
C ALA B 207 12.61 3.94 -0.13
N ARG B 208 12.96 3.84 1.14
CA ARG B 208 13.55 4.97 1.85
C ARG B 208 14.77 5.50 1.09
N GLY B 209 15.72 4.60 0.81
CA GLY B 209 16.96 4.98 0.16
C GLY B 209 16.76 5.75 -1.12
N MET B 210 15.90 5.22 -1.99
CA MET B 210 15.62 5.87 -3.26
C MET B 210 14.85 7.19 -3.13
N LEU B 211 13.92 7.24 -2.17
CA LEU B 211 13.06 8.40 -2.01
C LEU B 211 13.72 9.58 -1.28
N GLN B 212 14.53 9.30 -0.26
CA GLN B 212 15.14 10.39 0.50
C GLN B 212 16.06 11.24 -0.38
N ASN B 213 16.73 10.59 -1.35
CA ASN B 213 17.58 11.29 -2.30
C ASN B 213 16.80 12.20 -3.26
N ARG B 214 15.76 11.64 -3.86
CA ARG B 214 14.88 12.39 -4.75
C ARG B 214 14.27 13.61 -4.06
N VAL B 215 13.79 13.42 -2.85
CA VAL B 215 13.13 14.49 -2.11
C VAL B 215 14.06 15.69 -1.82
N LEU B 216 15.33 15.42 -1.52
CA LEU B 216 16.33 16.48 -1.35
C LEU B 216 16.49 17.28 -2.63
N LEU B 217 16.72 16.60 -3.74
CA LEU B 217 16.79 17.22 -5.05
C LEU B 217 15.55 18.08 -5.38
N TRP B 218 14.39 17.45 -5.29
CA TRP B 218 13.14 18.13 -5.61
C TRP B 218 12.99 19.41 -4.78
N LYS B 219 13.38 19.34 -3.51
CA LYS B 219 13.31 20.47 -2.61
C LYS B 219 14.16 21.67 -3.08
N GLU B 220 15.37 21.39 -3.55
CA GLU B 220 16.30 22.42 -4.02
C GLU B 220 15.89 23.01 -5.38
N GLN B 221 15.36 22.14 -6.25
CA GLN B 221 15.01 22.49 -7.63
C GLN B 221 13.75 23.33 -7.78
N SER B 222 12.76 23.08 -6.91
CA SER B 222 11.44 23.68 -7.05
C SER B 222 11.34 25.05 -6.38
C1 GOL C . 2.49 -6.48 8.67
O1 GOL C . 2.36 -6.67 10.06
C2 GOL C . 3.42 -7.52 8.07
O2 GOL C . 4.68 -7.47 8.72
C3 GOL C . 3.62 -7.24 6.57
O3 GOL C . 2.42 -6.79 6.00
#